data_7P93
#
_entry.id   7P93
#
_cell.length_a   62.967
_cell.length_b   71.181
_cell.length_c   79.234
_cell.angle_alpha   90
_cell.angle_beta   90
_cell.angle_gamma   90
#
_symmetry.space_group_name_H-M   'P 21 21 21'
#
loop_
_entity.id
_entity.type
_entity.pdbx_description
1 polymer 'Leucotoxin LukEv'
2 polymer 'Atypical chemokine receptor 1'
3 water water
#
loop_
_entity_poly.entity_id
_entity_poly.type
_entity_poly.pdbx_seq_one_letter_code
_entity_poly.pdbx_strand_id
1 'polypeptide(L)'
;MSVGLIAPLASPIQESRANTNIENIGDGAEVIKRTEDVSSKKWGVTQNVQFDFVKDKKYNKDALIVKMQGFINSRTSFSD
VKGSGYELTKRMIWPFQYNIGLTTKDPNVSLINYLPKNKIETTDVGQTLGYNIGGNFQSAPSIGGNGSFNYSKTISYTQK
SYVSEVDKQNSKSVKWGVKANEFVTPDGKKSAHDRYLFVQSPNGPTGSAREYFAPDNQLPPLVQSGFNPSFITTLSHEKG
SSDTSEFEISYGRNLDITYATLFPRTGIYAERKHNAFVNRNFVVRYEVNWKTHEIKVKGHNKHHHHHH
;
A
2 'polypeptide(L)' (ACE)DSFPDGD(TYS)GANLE B,M
#
loop_
_chem_comp.id
_chem_comp.type
_chem_comp.name
_chem_comp.formula
ACE non-polymer 'ACETYL GROUP' 'C2 H4 O'
#
# COMPACT_ATOMS: atom_id res chain seq x y z
N THR A 20 -0.31 -26.64 10.39
CA THR A 20 0.35 -26.07 11.58
C THR A 20 -0.68 -25.28 12.44
N ASN A 21 -1.12 -24.10 11.98
CA ASN A 21 -2.07 -23.30 12.75
C ASN A 21 -3.45 -23.60 12.19
N ILE A 22 -4.23 -24.40 12.90
CA ILE A 22 -5.55 -24.81 12.46
C ILE A 22 -6.59 -24.43 13.49
N GLU A 23 -7.63 -23.70 13.07
CA GLU A 23 -8.70 -23.29 13.95
C GLU A 23 -9.99 -23.96 13.55
N ASN A 24 -10.67 -24.62 14.49
CA ASN A 24 -11.97 -25.23 14.21
C ASN A 24 -12.96 -24.06 14.28
N ILE A 25 -13.75 -23.85 13.22
CA ILE A 25 -14.68 -22.68 13.24
C ILE A 25 -16.14 -23.08 13.35
N GLY A 26 -16.40 -24.34 13.67
CA GLY A 26 -17.76 -24.81 13.86
C GLY A 26 -18.32 -25.49 12.65
N ASP A 27 -19.35 -26.30 12.87
CA ASP A 27 -20.11 -27.01 11.83
C ASP A 27 -19.21 -27.82 10.85
N GLY A 28 -18.16 -28.44 11.38
CA GLY A 28 -17.26 -29.27 10.61
C GLY A 28 -16.21 -28.52 9.79
N ALA A 29 -16.16 -27.20 9.90
CA ALA A 29 -15.20 -26.42 9.10
C ALA A 29 -13.97 -25.99 9.91
N GLU A 30 -12.88 -25.69 9.20
CA GLU A 30 -11.68 -25.22 9.85
C GLU A 30 -10.98 -24.21 8.98
N VAL A 31 -10.10 -23.44 9.60
CA VAL A 31 -9.27 -22.48 8.86
C VAL A 31 -7.82 -22.86 9.10
N ILE A 32 -7.05 -23.00 8.01
CA ILE A 32 -5.62 -23.35 8.10
C ILE A 32 -4.86 -22.10 7.78
N LYS A 33 -4.06 -21.65 8.74
CA LYS A 33 -3.40 -20.36 8.67
C LYS A 33 -1.94 -20.42 8.28
N ARG A 34 -1.55 -19.70 7.23
CA ARG A 34 -0.16 -19.63 6.79
C ARG A 34 0.26 -18.17 6.76
N THR A 35 1.59 -17.93 6.81
CA THR A 35 2.06 -16.55 6.68
C THR A 35 3.29 -16.54 5.79
N GLU A 36 3.56 -15.41 5.20
CA GLU A 36 4.83 -15.20 4.50
C GLU A 36 5.26 -13.78 4.80
N ASP A 37 6.58 -13.60 4.98
CA ASP A 37 7.15 -12.27 5.16
C ASP A 37 8.20 -12.14 4.08
N VAL A 38 8.04 -11.14 3.20
CA VAL A 38 8.97 -10.97 2.09
C VAL A 38 9.29 -9.48 2.02
N SER A 39 10.58 -9.13 2.12
CA SER A 39 10.96 -7.72 2.07
C SER A 39 11.92 -7.43 0.93
N SER A 40 12.07 -6.13 0.63
CA SER A 40 13.02 -5.68 -0.37
C SER A 40 13.66 -4.43 0.20
N LYS A 41 14.97 -4.49 0.51
CA LYS A 41 15.61 -3.23 0.95
C LYS A 41 15.70 -2.26 -0.25
N LYS A 42 15.82 -2.76 -1.50
CA LYS A 42 15.90 -1.93 -2.70
C LYS A 42 14.63 -1.05 -2.82
N TRP A 43 13.46 -1.69 -2.74
CA TRP A 43 12.19 -0.96 -2.89
C TRP A 43 11.67 -0.36 -1.59
N GLY A 44 12.28 -0.69 -0.45
CA GLY A 44 11.81 -0.17 0.82
C GLY A 44 10.41 -0.70 1.14
N VAL A 45 10.20 -2.01 1.02
CA VAL A 45 8.91 -2.60 1.28
C VAL A 45 9.05 -3.88 2.09
N THR A 46 8.08 -4.10 2.97
CA THR A 46 7.93 -5.41 3.58
C THR A 46 6.50 -5.85 3.32
N GLN A 47 6.35 -7.04 2.72
CA GLN A 47 5.04 -7.66 2.63
C GLN A 47 4.91 -8.70 3.77
N ASN A 48 4.02 -8.47 4.77
N ASN A 48 4.01 -8.43 4.67
CA ASN A 48 3.75 -9.44 5.86
CA ASN A 48 3.69 -9.28 5.77
C ASN A 48 2.35 -9.89 5.56
C ASN A 48 2.31 -9.78 5.36
N VAL A 49 2.21 -11.06 4.93
CA VAL A 49 0.92 -11.51 4.41
C VAL A 49 0.41 -12.73 5.15
N GLN A 50 -0.90 -12.74 5.44
CA GLN A 50 -1.53 -13.88 6.09
C GLN A 50 -2.40 -14.52 5.03
N PHE A 51 -2.40 -15.88 4.99
CA PHE A 51 -3.16 -16.61 4.00
C PHE A 51 -3.93 -17.63 4.78
N ASP A 52 -5.25 -17.44 4.84
CA ASP A 52 -6.08 -18.36 5.64
C ASP A 52 -6.97 -19.17 4.73
N PHE A 53 -6.74 -20.48 4.70
CA PHE A 53 -7.56 -21.36 3.89
C PHE A 53 -8.82 -21.72 4.64
N VAL A 54 -9.97 -21.53 3.99
CA VAL A 54 -11.25 -21.95 4.56
C VAL A 54 -11.52 -23.33 4.03
N LYS A 55 -11.52 -24.30 4.95
N LYS A 55 -11.56 -24.29 4.94
CA LYS A 55 -11.82 -25.68 4.63
CA LYS A 55 -11.82 -25.69 4.58
C LYS A 55 -13.21 -25.90 5.16
C LYS A 55 -13.18 -26.08 5.13
N ASP A 56 -14.18 -26.05 4.27
CA ASP A 56 -15.58 -26.28 4.68
C ASP A 56 -16.22 -27.27 3.70
N LYS A 57 -16.57 -28.45 4.19
CA LYS A 57 -17.18 -29.52 3.39
C LYS A 57 -18.51 -29.07 2.77
N LYS A 58 -19.16 -28.09 3.38
CA LYS A 58 -20.45 -27.60 2.90
C LYS A 58 -20.33 -26.45 1.90
N TYR A 59 -19.13 -26.16 1.41
CA TYR A 59 -18.90 -25.11 0.44
C TYR A 59 -18.23 -25.82 -0.76
N ASN A 60 -18.75 -25.62 -1.98
CA ASN A 60 -18.19 -26.31 -3.15
C ASN A 60 -16.88 -25.72 -3.68
N LYS A 61 -16.37 -24.66 -3.02
CA LYS A 61 -15.13 -24.07 -3.44
C LYS A 61 -14.18 -23.97 -2.27
N ASP A 62 -12.89 -23.99 -2.58
CA ASP A 62 -11.88 -23.67 -1.62
C ASP A 62 -11.83 -22.11 -1.60
N ALA A 63 -11.44 -21.54 -0.47
CA ALA A 63 -11.28 -20.09 -0.38
C ALA A 63 -10.04 -19.76 0.41
N LEU A 64 -9.33 -18.75 -0.02
CA LEU A 64 -8.10 -18.31 0.64
C LEU A 64 -8.25 -16.82 0.98
N ILE A 65 -8.38 -16.50 2.27
CA ILE A 65 -8.49 -15.11 2.68
C ILE A 65 -7.06 -14.59 2.80
N VAL A 66 -6.73 -13.60 1.98
CA VAL A 66 -5.38 -13.02 1.97
C VAL A 66 -5.43 -11.65 2.63
N LYS A 67 -4.67 -11.48 3.70
CA LYS A 67 -4.62 -10.21 4.42
C LYS A 67 -3.22 -9.66 4.25
N MET A 68 -3.15 -8.50 3.62
CA MET A 68 -1.90 -7.86 3.23
C MET A 68 -1.55 -6.76 4.21
N GLN A 69 -0.49 -6.98 4.99
CA GLN A 69 0.05 -6.02 5.92
C GLN A 69 1.54 -5.80 5.65
N GLY A 70 2.22 -5.10 6.54
CA GLY A 70 3.64 -4.82 6.31
C GLY A 70 3.93 -3.35 6.29
N PHE A 71 4.80 -2.93 5.37
CA PHE A 71 5.23 -1.54 5.40
C PHE A 71 5.70 -1.10 4.03
N ILE A 72 5.37 0.14 3.68
CA ILE A 72 5.89 0.69 2.42
C ILE A 72 6.56 1.98 2.80
N ASN A 73 7.87 2.05 2.65
CA ASN A 73 8.63 3.26 3.02
C ASN A 73 8.09 4.46 2.19
N SER A 74 8.01 5.63 2.81
CA SER A 74 7.57 6.83 2.01
C SER A 74 8.59 7.15 0.93
N ARG A 75 9.88 6.86 1.18
CA ARG A 75 10.99 7.23 0.31
C ARG A 75 11.06 8.74 0.12
N THR A 76 10.54 9.51 1.10
CA THR A 76 10.66 10.97 1.04
C THR A 76 12.10 11.38 1.17
N SER A 77 12.52 12.29 0.30
CA SER A 77 13.90 12.76 0.33
C SER A 77 13.99 14.16 -0.17
N PHE A 78 15.13 14.79 0.11
CA PHE A 78 15.36 16.19 -0.23
C PHE A 78 16.76 16.27 -0.82
N SER A 79 16.94 17.04 -1.93
CA SER A 79 18.25 17.10 -2.53
C SER A 79 18.47 18.37 -3.31
N ASP A 80 19.76 18.69 -3.57
CA ASP A 80 20.11 19.80 -4.43
C ASP A 80 19.83 19.41 -5.88
N VAL A 81 19.66 20.40 -6.75
CA VAL A 81 19.50 20.16 -8.18
C VAL A 81 20.77 20.74 -8.80
N LYS A 82 21.61 19.91 -9.44
CA LYS A 82 22.90 20.32 -10.02
C LYS A 82 22.76 21.01 -11.38
N GLY A 83 23.80 21.76 -11.77
CA GLY A 83 23.80 22.42 -13.06
C GLY A 83 23.66 23.93 -12.97
N SER A 84 24.13 24.64 -14.00
CA SER A 84 24.05 26.10 -14.03
C SER A 84 22.59 26.56 -14.08
N GLY A 85 22.27 27.52 -13.23
CA GLY A 85 20.90 28.03 -13.13
C GLY A 85 20.06 27.33 -12.08
N TYR A 86 20.51 26.14 -11.62
CA TYR A 86 19.78 25.39 -10.58
C TYR A 86 20.46 25.51 -9.19
N GLU A 87 21.39 26.49 -9.00
CA GLU A 87 22.07 26.61 -7.69
C GLU A 87 21.14 26.90 -6.52
N LEU A 88 20.05 27.63 -6.77
CA LEU A 88 19.08 27.92 -5.71
C LEU A 88 17.79 27.11 -5.88
N THR A 89 17.83 25.97 -6.57
CA THR A 89 16.67 25.09 -6.77
C THR A 89 16.88 23.80 -5.98
N LYS A 90 15.93 23.45 -5.14
CA LYS A 90 16.00 22.24 -4.34
C LYS A 90 14.80 21.36 -4.66
N ARG A 91 14.90 20.07 -4.35
CA ARG A 91 13.75 19.21 -4.59
C ARG A 91 13.38 18.36 -3.42
N MET A 92 12.10 18.05 -3.32
CA MET A 92 11.57 17.13 -2.32
C MET A 92 10.82 16.07 -3.10
N ILE A 93 11.20 14.84 -2.92
CA ILE A 93 10.53 13.70 -3.54
C ILE A 93 9.63 13.14 -2.44
N TRP A 94 8.36 12.85 -2.75
CA TRP A 94 7.45 12.38 -1.70
C TRP A 94 6.34 11.56 -2.29
N PRO A 95 5.72 10.70 -1.50
CA PRO A 95 4.70 9.77 -2.08
C PRO A 95 3.34 10.39 -2.26
N PHE A 96 2.93 10.55 -3.52
CA PHE A 96 1.57 11.01 -3.79
C PHE A 96 0.57 9.86 -3.56
N GLN A 97 1.00 8.60 -3.80
CA GLN A 97 0.07 7.49 -3.61
C GLN A 97 0.83 6.23 -3.24
N TYR A 98 0.23 5.46 -2.36
CA TYR A 98 0.71 4.10 -2.07
C TYR A 98 -0.14 3.13 -2.90
N ASN A 99 0.53 2.13 -3.49
CA ASN A 99 -0.10 1.16 -4.33
C ASN A 99 -0.09 -0.21 -3.65
N ILE A 100 -1.27 -0.85 -3.59
CA ILE A 100 -1.34 -2.22 -3.02
C ILE A 100 -2.25 -3.00 -3.97
N GLY A 101 -1.78 -4.13 -4.49
CA GLY A 101 -2.63 -4.90 -5.40
C GLY A 101 -2.30 -6.35 -5.38
N LEU A 102 -3.29 -7.13 -5.79
CA LEU A 102 -3.08 -8.58 -5.92
C LEU A 102 -3.69 -8.95 -7.28
N THR A 103 -2.91 -9.69 -8.10
CA THR A 103 -3.40 -10.09 -9.42
CA THR A 103 -3.38 -10.08 -9.42
C THR A 103 -3.11 -11.55 -9.68
N THR A 104 -3.97 -12.18 -10.45
CA THR A 104 -3.72 -13.56 -10.88
C THR A 104 -4.04 -13.62 -12.38
N LYS A 105 -3.38 -14.54 -13.11
CA LYS A 105 -3.73 -14.90 -14.52
C LYS A 105 -4.18 -16.39 -14.57
N ASP A 106 -4.10 -17.12 -13.44
CA ASP A 106 -4.46 -18.52 -13.40
C ASP A 106 -5.94 -18.71 -13.63
N PRO A 107 -6.33 -19.51 -14.62
CA PRO A 107 -7.75 -19.72 -14.87
C PRO A 107 -8.50 -20.38 -13.71
N ASN A 108 -7.78 -21.02 -12.76
CA ASN A 108 -8.50 -21.75 -11.72
C ASN A 108 -8.76 -20.91 -10.46
N VAL A 109 -8.50 -19.58 -10.51
CA VAL A 109 -8.74 -18.79 -9.33
C VAL A 109 -9.40 -17.47 -9.69
N SER A 110 -10.32 -17.04 -8.81
CA SER A 110 -11.02 -15.77 -9.00
CA SER A 110 -10.93 -15.73 -9.00
C SER A 110 -11.04 -15.02 -7.67
N LEU A 111 -11.15 -13.71 -7.70
CA LEU A 111 -11.27 -12.91 -6.50
C LEU A 111 -12.75 -12.72 -6.24
N ILE A 112 -13.20 -13.03 -5.02
CA ILE A 112 -14.65 -12.95 -4.72
C ILE A 112 -15.05 -11.87 -3.73
N ASN A 113 -14.07 -11.24 -3.09
CA ASN A 113 -14.34 -10.09 -2.22
C ASN A 113 -13.05 -9.35 -1.97
N TYR A 114 -13.19 -8.14 -1.51
CA TYR A 114 -12.04 -7.29 -1.23
C TYR A 114 -12.43 -6.22 -0.22
N LEU A 115 -11.46 -5.84 0.60
CA LEU A 115 -11.69 -4.86 1.64
C LEU A 115 -10.48 -3.95 1.76
N PRO A 116 -10.71 -2.63 1.79
CA PRO A 116 -12.01 -1.95 1.65
C PRO A 116 -12.61 -2.17 0.26
N LYS A 117 -13.94 -2.20 0.20
CA LYS A 117 -14.69 -2.42 -1.04
C LYS A 117 -14.99 -1.10 -1.77
N ASN A 118 -15.01 0.01 -1.04
CA ASN A 118 -15.36 1.32 -1.55
C ASN A 118 -14.35 2.33 -1.08
N LYS A 119 -14.39 3.53 -1.69
CA LYS A 119 -13.58 4.65 -1.30
C LYS A 119 -13.80 5.00 0.17
N ILE A 120 -12.70 5.24 0.90
CA ILE A 120 -12.84 5.64 2.30
C ILE A 120 -11.87 6.77 2.60
N GLU A 121 -12.41 7.88 3.12
CA GLU A 121 -11.63 9.08 3.37
C GLU A 121 -11.33 9.37 4.84
N THR A 122 -11.82 8.54 5.77
CA THR A 122 -11.58 8.77 7.19
C THR A 122 -10.11 8.47 7.54
N THR A 123 -9.55 9.19 8.53
CA THR A 123 -8.15 9.00 8.96
C THR A 123 -7.89 7.56 9.37
N ASP A 124 -8.84 6.96 10.08
CA ASP A 124 -8.74 5.56 10.48
C ASP A 124 -9.65 4.71 9.61
N VAL A 125 -9.15 3.56 9.20
CA VAL A 125 -9.93 2.61 8.44
C VAL A 125 -9.91 1.32 9.27
N GLY A 126 -11.08 0.78 9.51
CA GLY A 126 -11.23 -0.43 10.32
C GLY A 126 -12.44 -1.17 9.81
N GLN A 127 -12.22 -2.35 9.20
CA GLN A 127 -13.31 -3.11 8.61
C GLN A 127 -13.15 -4.61 8.88
N THR A 128 -14.23 -5.36 8.69
CA THR A 128 -14.22 -6.79 8.97
C THR A 128 -14.78 -7.61 7.82
N LEU A 129 -14.14 -8.76 7.58
CA LEU A 129 -14.67 -9.73 6.65
C LEU A 129 -15.13 -10.92 7.51
N GLY A 130 -16.40 -11.32 7.37
CA GLY A 130 -16.92 -12.47 8.09
C GLY A 130 -17.17 -13.65 7.19
N TYR A 131 -17.06 -14.86 7.73
CA TYR A 131 -17.38 -16.06 6.97
C TYR A 131 -18.35 -16.92 7.78
N ASN A 132 -19.39 -17.46 7.12
CA ASN A 132 -20.29 -18.40 7.77
C ASN A 132 -20.33 -19.65 6.90
N ILE A 133 -20.42 -20.82 7.55
CA ILE A 133 -20.45 -22.12 6.88
CA ILE A 133 -20.40 -22.11 6.85
C ILE A 133 -21.38 -22.14 5.68
N GLY A 134 -20.94 -22.76 4.59
CA GLY A 134 -21.76 -22.83 3.39
C GLY A 134 -21.36 -21.83 2.32
N GLY A 135 -20.19 -21.18 2.48
CA GLY A 135 -19.63 -20.27 1.49
C GLY A 135 -20.14 -18.84 1.54
N ASN A 136 -20.46 -18.39 2.76
CA ASN A 136 -21.11 -17.12 2.96
C ASN A 136 -20.20 -16.07 3.52
N PHE A 137 -19.81 -15.12 2.70
CA PHE A 137 -18.95 -14.02 3.13
C PHE A 137 -19.76 -12.75 3.31
N GLN A 138 -19.32 -11.92 4.25
CA GLN A 138 -19.99 -10.65 4.51
C GLN A 138 -18.93 -9.64 4.94
N SER A 139 -19.06 -8.41 4.54
CA SER A 139 -18.13 -7.37 4.98
C SER A 139 -18.85 -6.25 5.68
N ALA A 140 -18.20 -5.67 6.68
CA ALA A 140 -18.74 -4.51 7.40
C ALA A 140 -17.63 -3.43 7.47
N PRO A 141 -17.92 -2.12 7.23
CA PRO A 141 -16.83 -1.13 7.30
C PRO A 141 -16.57 -0.64 8.73
N SER A 142 -16.68 -1.55 9.68
CA SER A 142 -16.44 -1.29 11.10
CA SER A 142 -16.44 -1.30 11.09
C SER A 142 -15.82 -2.54 11.75
N ILE A 143 -15.27 -2.39 12.96
CA ILE A 143 -14.70 -3.50 13.71
C ILE A 143 -15.53 -3.63 15.00
N GLY A 144 -15.91 -4.85 15.35
CA GLY A 144 -16.66 -5.10 16.58
C GLY A 144 -18.12 -5.47 16.41
N GLY A 145 -18.65 -5.31 15.21
CA GLY A 145 -20.05 -5.60 14.95
C GLY A 145 -20.41 -7.07 14.89
N ASN A 146 -21.27 -7.52 15.84
CA ASN A 146 -21.83 -8.86 15.95
C ASN A 146 -20.84 -10.03 16.12
N GLY A 147 -21.27 -11.03 16.89
CA GLY A 147 -20.54 -12.28 17.10
C GLY A 147 -21.27 -13.40 16.37
N SER A 148 -21.71 -13.11 15.13
CA SER A 148 -22.51 -14.01 14.32
C SER A 148 -21.71 -14.85 13.31
N PHE A 149 -20.44 -14.55 13.11
CA PHE A 149 -19.62 -15.22 12.10
C PHE A 149 -18.95 -16.46 12.63
N ASN A 150 -18.74 -17.46 11.77
CA ASN A 150 -17.94 -18.62 12.14
C ASN A 150 -16.45 -18.22 12.20
N TYR A 151 -16.02 -17.33 11.33
CA TYR A 151 -14.62 -16.85 11.31
C TYR A 151 -14.65 -15.41 10.81
N SER A 152 -13.72 -14.60 11.32
CA SER A 152 -13.64 -13.24 10.82
C SER A 152 -12.20 -12.79 10.75
N LYS A 153 -11.96 -11.77 9.94
CA LYS A 153 -10.62 -11.22 9.76
C LYS A 153 -10.86 -9.72 9.64
N THR A 154 -9.98 -8.90 10.23
CA THR A 154 -10.21 -7.45 10.16
C THR A 154 -9.04 -6.79 9.46
N ILE A 155 -9.26 -5.57 9.01
CA ILE A 155 -8.20 -4.71 8.51
C ILE A 155 -8.22 -3.44 9.35
N SER A 156 -7.04 -2.88 9.57
CA SER A 156 -6.95 -1.66 10.35
C SER A 156 -5.73 -0.89 9.89
N TYR A 157 -5.93 0.37 9.51
CA TYR A 157 -4.81 1.23 9.15
C TYR A 157 -5.18 2.69 9.29
N THR A 158 -4.13 3.52 9.38
CA THR A 158 -4.29 4.97 9.50
CA THR A 158 -4.30 4.97 9.52
C THR A 158 -3.71 5.63 8.26
N GLN A 159 -4.40 6.65 7.74
CA GLN A 159 -4.01 7.31 6.50
C GLN A 159 -4.29 8.83 6.60
N LYS A 160 -3.77 9.46 7.64
CA LYS A 160 -3.94 10.91 7.86
C LYS A 160 -3.54 11.71 6.63
N SER A 161 -4.48 12.55 6.13
CA SER A 161 -4.31 13.40 4.94
C SER A 161 -4.42 12.67 3.62
N TYR A 162 -4.63 11.35 3.66
CA TYR A 162 -4.75 10.54 2.47
C TYR A 162 -6.15 9.89 2.39
N VAL A 163 -6.53 9.44 1.20
CA VAL A 163 -7.80 8.75 1.02
C VAL A 163 -7.56 7.44 0.29
N SER A 164 -8.44 6.44 0.52
CA SER A 164 -8.23 5.14 -0.11
C SER A 164 -9.25 4.95 -1.21
N GLU A 165 -8.80 4.56 -2.40
CA GLU A 165 -9.67 4.32 -3.54
C GLU A 165 -9.39 2.94 -4.11
N VAL A 166 -10.41 2.33 -4.69
CA VAL A 166 -10.28 1.08 -5.39
C VAL A 166 -9.98 1.47 -6.84
N ASP A 167 -8.71 1.35 -7.24
CA ASP A 167 -8.28 1.73 -8.60
C ASP A 167 -8.67 0.71 -9.64
N LYS A 168 -8.76 -0.55 -9.24
CA LYS A 168 -9.10 -1.63 -10.14
C LYS A 168 -9.70 -2.76 -9.34
N GLN A 169 -10.74 -3.38 -9.91
CA GLN A 169 -11.33 -4.53 -9.26
C GLN A 169 -12.07 -5.33 -10.30
N ASN A 170 -11.73 -6.59 -10.35
CA ASN A 170 -12.41 -7.53 -11.26
C ASN A 170 -12.13 -8.93 -10.74
N SER A 171 -12.58 -9.95 -11.49
CA SER A 171 -12.42 -11.32 -11.00
C SER A 171 -10.99 -11.78 -10.89
N LYS A 172 -10.05 -11.08 -11.53
CA LYS A 172 -8.66 -11.52 -11.53
C LYS A 172 -7.70 -10.58 -10.80
N SER A 173 -8.16 -9.36 -10.47
CA SER A 173 -7.23 -8.41 -9.85
C SER A 173 -7.93 -7.38 -9.00
N VAL A 174 -7.20 -6.88 -8.02
CA VAL A 174 -7.71 -5.78 -7.22
C VAL A 174 -6.51 -4.87 -6.99
N LYS A 175 -6.77 -3.57 -7.05
CA LYS A 175 -5.71 -2.60 -6.75
C LYS A 175 -6.29 -1.46 -5.97
N TRP A 176 -5.64 -1.10 -4.84
CA TRP A 176 -6.04 0.06 -4.05
C TRP A 176 -4.97 1.12 -4.21
N GLY A 177 -5.42 2.36 -4.16
CA GLY A 177 -4.48 3.47 -4.12
C GLY A 177 -4.80 4.29 -2.87
N VAL A 178 -3.79 4.59 -2.06
CA VAL A 178 -3.96 5.41 -0.85
C VAL A 178 -3.26 6.68 -1.24
N LYS A 179 -4.06 7.71 -1.52
CA LYS A 179 -3.61 8.89 -2.24
C LYS A 179 -3.69 10.16 -1.44
N ALA A 180 -2.70 11.03 -1.60
CA ALA A 180 -2.62 12.32 -0.90
C ALA A 180 -3.88 13.12 -1.20
N ASN A 181 -4.44 13.75 -0.19
CA ASN A 181 -5.70 14.44 -0.33
C ASN A 181 -5.71 15.87 0.20
N GLU A 182 -5.62 16.08 1.52
CA GLU A 182 -5.70 17.41 2.10
C GLU A 182 -4.81 17.46 3.31
N PHE A 183 -4.04 18.52 3.45
CA PHE A 183 -3.04 18.62 4.51
C PHE A 183 -3.22 19.84 5.40
N VAL A 184 -2.96 19.67 6.69
CA VAL A 184 -2.98 20.73 7.68
C VAL A 184 -1.64 21.43 7.55
N THR A 185 -1.66 22.74 7.29
CA THR A 185 -0.47 23.55 7.04
C THR A 185 -0.57 24.85 7.86
N PRO A 186 0.56 25.51 8.23
CA PRO A 186 0.46 26.76 9.00
C PRO A 186 -0.46 27.83 8.39
N ASP A 187 -0.66 27.79 7.06
CA ASP A 187 -1.54 28.75 6.37
C ASP A 187 -2.91 28.15 6.02
N GLY A 188 -3.36 27.17 6.80
CA GLY A 188 -4.65 26.53 6.60
C GLY A 188 -4.55 25.21 5.86
N LYS A 189 -5.68 24.62 5.49
CA LYS A 189 -5.68 23.37 4.75
C LYS A 189 -5.19 23.60 3.32
N LYS A 190 -4.38 22.68 2.79
CA LYS A 190 -3.89 22.77 1.42
C LYS A 190 -4.23 21.47 0.68
N SER A 191 -4.63 21.61 -0.58
CA SER A 191 -4.95 20.47 -1.41
C SER A 191 -3.67 19.72 -1.78
N ALA A 192 -3.77 18.39 -1.99
CA ALA A 192 -2.61 17.62 -2.42
C ALA A 192 -2.06 18.10 -3.78
N HIS A 193 -2.86 18.85 -4.56
CA HIS A 193 -2.39 19.37 -5.85
C HIS A 193 -1.83 20.79 -5.79
N ASP A 194 -1.77 21.41 -4.61
CA ASP A 194 -1.25 22.76 -4.44
C ASP A 194 0.25 22.69 -4.69
N ARG A 195 0.76 23.40 -5.72
CA ARG A 195 2.19 23.33 -6.00
C ARG A 195 3.05 23.84 -4.84
N TYR A 196 2.47 24.66 -3.94
CA TYR A 196 3.23 25.17 -2.79
C TYR A 196 3.16 24.26 -1.54
N LEU A 197 2.50 23.11 -1.65
CA LEU A 197 2.39 22.16 -0.54
C LEU A 197 3.79 21.73 -0.11
N PHE A 198 4.07 21.89 1.19
CA PHE A 198 5.35 21.57 1.83
C PHE A 198 6.47 22.57 1.50
N VAL A 199 6.19 23.65 0.78
CA VAL A 199 7.22 24.61 0.43
C VAL A 199 7.31 25.70 1.48
N GLN A 200 8.53 26.13 1.79
CA GLN A 200 8.76 27.21 2.74
C GLN A 200 10.05 27.96 2.39
N SER A 201 10.18 29.19 2.89
CA SER A 201 11.40 29.96 2.68
C SER A 201 12.44 29.40 3.66
N PRO A 202 13.68 29.13 3.22
CA PRO A 202 14.72 28.73 4.19
C PRO A 202 15.12 29.94 5.07
N ASN A 203 15.80 29.72 6.19
CA ASN A 203 16.20 30.81 7.09
C ASN A 203 17.06 31.86 6.37
N GLY A 204 17.96 31.39 5.53
CA GLY A 204 18.84 32.25 4.75
C GLY A 204 19.35 31.57 3.50
N PRO A 205 20.37 32.16 2.86
CA PRO A 205 20.90 31.54 1.63
C PRO A 205 21.92 30.42 1.90
N THR A 206 22.20 30.09 3.17
CA THR A 206 23.16 29.06 3.57
C THR A 206 22.67 27.62 3.28
N GLY A 207 22.73 27.25 2.01
CA GLY A 207 22.36 25.95 1.45
C GLY A 207 21.24 25.16 2.11
N SER A 208 21.46 23.84 2.21
CA SER A 208 20.58 22.83 2.77
C SER A 208 19.24 22.69 2.06
N ALA A 209 19.11 21.66 1.25
CA ALA A 209 17.86 21.37 0.55
C ALA A 209 16.70 21.20 1.52
N ARG A 210 16.96 20.57 2.68
CA ARG A 210 15.95 20.31 3.70
C ARG A 210 15.22 21.54 4.18
N GLU A 211 15.96 22.65 4.35
CA GLU A 211 15.40 23.91 4.82
C GLU A 211 14.39 24.55 3.90
N TYR A 212 14.33 24.13 2.62
CA TYR A 212 13.34 24.72 1.69
C TYR A 212 11.96 24.07 1.82
N PHE A 213 11.82 23.05 2.69
CA PHE A 213 10.58 22.32 2.83
C PHE A 213 10.13 22.23 4.27
N ALA A 214 8.83 22.01 4.47
CA ALA A 214 8.23 21.93 5.81
C ALA A 214 8.96 20.91 6.70
N PRO A 215 9.23 21.29 7.97
CA PRO A 215 9.93 20.36 8.86
C PRO A 215 9.12 19.10 9.16
N ASP A 216 9.79 18.01 9.59
CA ASP A 216 9.14 16.72 9.88
C ASP A 216 7.86 16.82 10.72
N ASN A 217 7.83 17.69 11.73
CA ASN A 217 6.65 17.84 12.58
C ASN A 217 5.39 18.34 11.84
N GLN A 218 5.57 18.96 10.66
CA GLN A 218 4.44 19.36 9.82
C GLN A 218 4.07 18.28 8.78
N LEU A 219 4.92 17.26 8.62
CA LEU A 219 4.66 16.18 7.66
C LEU A 219 3.97 15.02 8.33
N PRO A 220 2.78 14.64 7.83
CA PRO A 220 2.08 13.50 8.46
C PRO A 220 2.84 12.18 8.24
N PRO A 221 2.47 11.14 9.00
CA PRO A 221 3.19 9.87 8.89
C PRO A 221 3.32 9.30 7.48
N LEU A 222 2.28 9.40 6.63
CA LEU A 222 2.41 8.84 5.26
C LEU A 222 3.46 9.59 4.41
N VAL A 223 3.84 10.81 4.82
CA VAL A 223 4.89 11.53 4.08
C VAL A 223 6.22 11.31 4.77
N GLN A 224 6.26 11.51 6.08
CA GLN A 224 7.51 11.44 6.82
C GLN A 224 8.08 10.03 6.91
N SER A 225 7.20 9.03 7.13
CA SER A 225 7.69 7.70 7.40
C SER A 225 7.31 6.68 6.33
N GLY A 226 6.03 6.46 6.18
CA GLY A 226 5.55 5.45 5.25
C GLY A 226 4.15 5.01 5.60
N PHE A 227 3.76 3.89 5.01
CA PHE A 227 2.39 3.40 5.19
C PHE A 227 2.41 1.95 5.66
N ASN A 228 1.52 1.61 6.61
CA ASN A 228 1.42 0.18 7.02
C ASN A 228 0.08 -0.31 6.43
N PRO A 229 0.13 -1.01 5.30
CA PRO A 229 -1.12 -1.46 4.67
C PRO A 229 -1.88 -2.45 5.51
N SER A 230 -3.19 -2.53 5.27
CA SER A 230 -3.99 -3.59 5.87
C SER A 230 -5.22 -3.75 4.94
N PHE A 231 -5.11 -4.72 4.01
CA PHE A 231 -6.11 -4.95 2.96
C PHE A 231 -6.41 -6.42 2.85
N ILE A 232 -7.64 -6.76 2.47
CA ILE A 232 -7.99 -8.17 2.29
C ILE A 232 -8.57 -8.41 0.93
N THR A 233 -8.26 -9.58 0.38
CA THR A 233 -9.03 -10.10 -0.77
C THR A 233 -9.14 -11.60 -0.60
N THR A 234 -10.26 -12.17 -1.05
CA THR A 234 -10.41 -13.64 -0.93
C THR A 234 -10.33 -14.26 -2.34
N LEU A 235 -9.54 -15.29 -2.46
CA LEU A 235 -9.35 -16.04 -3.69
C LEU A 235 -10.28 -17.26 -3.57
N SER A 236 -10.93 -17.58 -4.67
CA SER A 236 -11.86 -18.69 -4.78
C SER A 236 -11.33 -19.69 -5.78
N HIS A 237 -11.45 -20.98 -5.46
CA HIS A 237 -10.92 -22.04 -6.32
C HIS A 237 -11.92 -23.21 -6.34
N GLU A 238 -12.34 -23.64 -7.54
CA GLU A 238 -13.26 -24.78 -7.63
C GLU A 238 -12.54 -26.04 -7.12
N LYS A 239 -13.17 -26.78 -6.17
CA LYS A 239 -12.56 -28.01 -5.66
C LYS A 239 -12.46 -28.98 -6.84
N GLY A 240 -11.30 -29.60 -7.02
CA GLY A 240 -11.15 -30.52 -8.14
C GLY A 240 -10.51 -29.88 -9.35
N SER A 241 -10.41 -28.50 -9.44
CA SER A 241 -9.63 -27.93 -10.53
C SER A 241 -8.13 -28.13 -10.06
N SER A 242 -7.13 -27.67 -10.79
CA SER A 242 -5.73 -27.99 -10.47
C SER A 242 -5.30 -27.59 -9.07
N ASP A 243 -4.35 -28.36 -8.55
CA ASP A 243 -3.86 -28.24 -7.18
C ASP A 243 -3.29 -26.89 -6.86
N THR A 244 -2.69 -26.17 -7.83
CA THR A 244 -1.99 -24.95 -7.48
C THR A 244 -2.45 -23.75 -8.29
N SER A 245 -2.22 -22.57 -7.73
CA SER A 245 -2.46 -21.33 -8.46
C SER A 245 -1.31 -20.39 -8.14
N GLU A 246 -1.03 -19.48 -9.08
CA GLU A 246 -0.04 -18.44 -8.80
C GLU A 246 -0.75 -17.10 -8.79
N PHE A 247 -0.21 -16.19 -8.00
CA PHE A 247 -0.73 -14.83 -7.97
C PHE A 247 0.39 -13.92 -7.50
N GLU A 248 0.22 -12.63 -7.76
CA GLU A 248 1.28 -11.67 -7.40
C GLU A 248 0.72 -10.61 -6.51
N ILE A 249 1.52 -10.21 -5.54
CA ILE A 249 1.09 -9.08 -4.68
C ILE A 249 2.11 -7.99 -4.92
N SER A 250 1.62 -6.77 -5.17
CA SER A 250 2.48 -5.64 -5.42
CA SER A 250 2.48 -5.64 -5.46
C SER A 250 2.26 -4.57 -4.38
N TYR A 251 3.35 -4.07 -3.76
CA TYR A 251 3.24 -2.96 -2.81
C TYR A 251 4.22 -1.89 -3.31
N GLY A 252 3.80 -0.64 -3.29
CA GLY A 252 4.76 0.40 -3.72
C GLY A 252 4.16 1.76 -3.62
N ARG A 253 4.75 2.65 -4.40
CA ARG A 253 4.34 4.05 -4.32
C ARG A 253 4.52 4.72 -5.66
N ASN A 254 3.82 5.83 -5.79
CA ASN A 254 4.02 6.79 -6.90
C ASN A 254 4.53 8.06 -6.21
N LEU A 255 5.66 8.59 -6.67
CA LEU A 255 6.24 9.77 -6.06
C LEU A 255 6.07 11.00 -6.91
N ASP A 256 5.80 12.10 -6.24
CA ASP A 256 5.82 13.41 -6.87
C ASP A 256 7.13 14.09 -6.52
N ILE A 257 7.44 15.16 -7.24
CA ILE A 257 8.59 16.01 -6.91
C ILE A 257 8.06 17.39 -6.77
N THR A 258 8.44 18.06 -5.71
CA THR A 258 8.20 19.50 -5.56
C THR A 258 9.56 20.17 -5.66
N TYR A 259 9.68 21.14 -6.57
CA TYR A 259 10.91 21.92 -6.73
C TYR A 259 10.65 23.27 -6.08
N ALA A 260 11.63 23.79 -5.36
CA ALA A 260 11.53 25.12 -4.77
C ALA A 260 12.77 25.88 -5.17
N THR A 261 12.59 27.07 -5.78
CA THR A 261 13.71 27.90 -6.23
C THR A 261 13.66 29.23 -5.46
N LEU A 262 14.78 29.62 -4.86
CA LEU A 262 14.84 30.87 -4.12
C LEU A 262 15.26 32.00 -5.04
N PHE A 263 14.44 33.03 -5.12
CA PHE A 263 14.74 34.21 -5.91
C PHE A 263 14.87 35.36 -4.92
N PRO A 264 16.11 35.81 -4.64
CA PRO A 264 16.31 36.89 -3.66
C PRO A 264 15.31 38.05 -3.65
N ARG A 265 14.87 38.52 -4.82
CA ARG A 265 13.94 39.65 -4.87
C ARG A 265 12.44 39.27 -4.98
N THR A 266 12.09 38.11 -5.55
CA THR A 266 10.67 37.75 -5.70
C THR A 266 10.19 36.58 -4.81
N GLY A 267 11.06 36.09 -3.93
CA GLY A 267 10.69 35.02 -3.00
C GLY A 267 10.86 33.60 -3.50
N ILE A 268 10.20 32.66 -2.82
CA ILE A 268 10.26 31.23 -3.14
C ILE A 268 9.29 30.85 -4.26
N TYR A 269 9.80 30.21 -5.30
CA TYR A 269 8.98 29.81 -6.43
C TYR A 269 8.88 28.29 -6.43
N ALA A 270 7.68 27.79 -6.56
CA ALA A 270 7.49 26.33 -6.51
C ALA A 270 6.87 25.74 -7.76
N GLU A 271 7.30 24.53 -8.14
CA GLU A 271 6.73 23.82 -9.27
C GLU A 271 6.58 22.37 -8.83
N ARG A 272 5.58 21.69 -9.37
CA ARG A 272 5.35 20.28 -9.06
C ARG A 272 5.51 19.44 -10.31
N LYS A 273 6.22 18.31 -10.21
CA LYS A 273 6.25 17.32 -11.26
C LYS A 273 5.37 16.21 -10.68
N HIS A 274 4.11 16.17 -11.11
CA HIS A 274 3.14 15.18 -10.65
C HIS A 274 3.36 13.83 -11.34
N ASN A 275 3.27 12.73 -10.56
CA ASN A 275 3.53 11.40 -11.12
C ASN A 275 4.96 11.33 -11.68
N ALA A 276 5.90 11.84 -10.89
CA ALA A 276 7.31 11.90 -11.28
C ALA A 276 7.93 10.53 -11.36
N PHE A 277 7.59 9.63 -10.42
CA PHE A 277 8.09 8.26 -10.47
C PHE A 277 6.88 7.41 -10.19
N VAL A 278 6.35 6.74 -11.21
CA VAL A 278 5.14 5.94 -11.01
CA VAL A 278 5.14 5.93 -11.03
C VAL A 278 5.43 4.46 -10.90
N ASN A 279 4.63 3.77 -10.10
CA ASN A 279 4.72 2.33 -9.92
C ASN A 279 6.09 1.88 -9.48
N ARG A 280 6.63 2.54 -8.46
CA ARG A 280 7.88 2.10 -7.80
C ARG A 280 7.42 1.02 -6.81
N ASN A 281 7.24 -0.18 -7.36
CA ASN A 281 6.60 -1.28 -6.62
C ASN A 281 7.47 -2.50 -6.48
N PHE A 282 7.27 -3.18 -5.35
CA PHE A 282 7.92 -4.46 -5.11
C PHE A 282 6.84 -5.51 -5.36
N VAL A 283 7.08 -6.39 -6.33
CA VAL A 283 6.10 -7.40 -6.69
C VAL A 283 6.63 -8.75 -6.27
N VAL A 284 5.80 -9.53 -5.60
CA VAL A 284 6.18 -10.87 -5.17
C VAL A 284 5.21 -11.88 -5.73
N ARG A 285 5.73 -12.97 -6.32
CA ARG A 285 4.86 -14.02 -6.88
C ARG A 285 4.74 -15.15 -5.84
N TYR A 286 3.51 -15.57 -5.54
CA TYR A 286 3.25 -16.62 -4.57
C TYR A 286 2.57 -17.77 -5.30
N GLU A 287 2.72 -18.95 -4.76
CA GLU A 287 2.01 -20.12 -5.26
C GLU A 287 1.20 -20.70 -4.13
N VAL A 288 -0.08 -20.96 -4.37
CA VAL A 288 -0.92 -21.60 -3.37
CA VAL A 288 -0.98 -21.60 -3.40
C VAL A 288 -1.15 -23.02 -3.82
N ASN A 289 -1.02 -23.97 -2.89
CA ASN A 289 -1.33 -25.35 -3.19
C ASN A 289 -2.61 -25.62 -2.38
N TRP A 290 -3.73 -25.73 -3.10
CA TRP A 290 -5.04 -25.92 -2.48
C TRP A 290 -5.22 -27.31 -1.86
N LYS A 291 -4.45 -28.28 -2.32
CA LYS A 291 -4.58 -29.65 -1.87
C LYS A 291 -3.82 -29.83 -0.55
N THR A 292 -2.63 -29.25 -0.44
CA THR A 292 -1.85 -29.36 0.78
C THR A 292 -2.05 -28.17 1.72
N HIS A 293 -2.80 -27.13 1.27
CA HIS A 293 -3.06 -25.94 2.05
C HIS A 293 -1.74 -25.27 2.40
N GLU A 294 -0.86 -25.08 1.39
CA GLU A 294 0.45 -24.48 1.57
C GLU A 294 0.64 -23.27 0.68
N ILE A 295 1.53 -22.36 1.10
CA ILE A 295 1.90 -21.18 0.31
C ILE A 295 3.42 -21.22 0.15
N LYS A 296 3.90 -20.87 -1.03
CA LYS A 296 5.32 -20.75 -1.28
C LYS A 296 5.58 -19.45 -2.03
N VAL A 297 6.75 -18.87 -1.80
CA VAL A 297 7.17 -17.68 -2.51
C VAL A 297 7.96 -18.17 -3.71
N LYS A 298 7.60 -17.72 -4.92
CA LYS A 298 8.33 -18.09 -6.13
C LYS A 298 9.49 -17.15 -6.44
N GLY A 299 9.38 -15.90 -6.01
CA GLY A 299 10.39 -14.88 -6.26
C GLY A 299 9.74 -13.54 -6.60
N GLY B 7 26.55 14.88 -12.33
CA GLY B 7 25.19 14.36 -12.42
C GLY B 7 24.14 15.45 -12.39
N ASP B 8 22.85 15.06 -12.32
CA ASP B 8 21.77 16.02 -12.30
C ASP B 8 21.37 16.44 -10.90
N TYS B 9 21.61 15.60 -9.89
CA TYS B 9 21.17 15.94 -8.54
CB TYS B 9 19.96 15.01 -8.26
CG TYS B 9 18.79 15.29 -9.21
CD1 TYS B 9 18.59 14.30 -10.17
CD2 TYS B 9 17.94 16.45 -9.20
CE1 TYS B 9 17.61 14.47 -11.13
CE2 TYS B 9 16.93 16.60 -10.16
CZ TYS B 9 16.76 15.53 -11.10
OH TYS B 9 15.83 15.50 -12.07
S TYS B 9 14.39 15.00 -11.61
O1 TYS B 9 13.48 15.48 -12.72
O2 TYS B 9 13.99 15.88 -10.52
O3 TYS B 9 14.53 13.61 -11.52
C TYS B 9 22.19 15.60 -7.47
O TYS B 9 23.04 14.73 -7.67
N GLY B 10 22.09 16.28 -6.34
CA GLY B 10 22.94 15.99 -5.20
C GLY B 10 22.49 14.73 -4.48
N ALA B 11 23.21 14.31 -3.42
CA ALA B 11 22.83 13.12 -2.65
C ALA B 11 21.45 13.26 -2.00
N ASN B 12 20.77 12.13 -1.76
CA ASN B 12 19.44 12.16 -1.14
C ASN B 12 19.53 12.31 0.36
N LEU B 13 18.97 13.40 0.88
CA LEU B 13 18.89 13.63 2.32
C LEU B 13 17.54 13.06 2.80
N GLU B 14 17.50 12.39 3.96
CA GLU B 14 16.28 11.81 4.53
C GLU B 14 15.15 12.80 4.76
N ASP C 2 22.54 -0.65 -2.48
CA ASP C 2 21.73 -1.85 -2.31
C ASP C 2 20.37 -1.54 -1.69
N SER C 3 20.34 -0.59 -0.75
CA SER C 3 19.07 -0.21 -0.09
C SER C 3 18.40 0.92 -0.83
N PHE C 4 18.49 0.92 -2.16
CA PHE C 4 17.91 1.93 -3.02
C PHE C 4 17.75 1.39 -4.44
N PRO C 5 16.81 1.97 -5.21
CA PRO C 5 16.62 1.50 -6.60
C PRO C 5 17.79 1.90 -7.52
N ASP C 6 17.85 1.28 -8.72
CA ASP C 6 18.89 1.58 -9.71
C ASP C 6 18.84 3.06 -10.10
N GLY C 7 19.95 3.74 -9.93
CA GLY C 7 20.02 5.18 -10.21
C GLY C 7 19.81 6.05 -9.01
N ASP C 8 19.19 5.51 -7.93
CA ASP C 8 18.89 6.21 -6.68
C ASP C 8 18.19 7.56 -6.88
N TYS C 9 17.07 7.55 -7.66
CA TYS C 9 16.29 8.77 -7.95
CB TYS C 9 15.54 9.36 -6.73
CG TYS C 9 14.76 8.24 -6.02
CD1 TYS C 9 13.53 7.88 -6.49
CD2 TYS C 9 15.34 7.57 -4.92
CE1 TYS C 9 12.83 6.85 -5.90
CE2 TYS C 9 14.62 6.53 -4.33
CZ TYS C 9 13.38 6.16 -4.79
OH TYS C 9 12.74 5.06 -4.09
S TYS C 9 11.85 4.15 -4.82
O1 TYS C 9 12.30 3.76 -6.09
O2 TYS C 9 10.58 4.57 -4.70
O3 TYS C 9 11.97 2.80 -4.15
C TYS C 9 17.09 9.86 -8.74
O TYS C 9 16.59 10.98 -8.91
N GLY C 10 18.29 9.53 -9.19
CA GLY C 10 19.14 10.48 -9.92
C GLY C 10 20.34 10.98 -9.16
N ALA C 11 20.61 10.45 -7.95
CA ALA C 11 21.76 10.86 -7.15
C ALA C 11 23.07 10.34 -7.76
#